data_4R7B
#
_entry.id   4R7B
#
_cell.length_a   70.386
_cell.length_b   96.690
_cell.length_c   98.595
_cell.angle_alpha   90.00
_cell.angle_beta   90.00
_cell.angle_gamma   90.00
#
_symmetry.space_group_name_H-M   'P 21 21 21'
#
loop_
_entity.id
_entity.type
_entity.pdbx_description
1 polymer 'Choline kinase'
2 non-polymer 'CHOLINE ION'
3 water water
#
_entity_poly.entity_id   1
_entity_poly.type   'polypeptide(L)'
_entity_poly.pdbx_seq_one_letter_code
;MGSSHHHHHHSSGLVPRGSHMEKIIKEKISSLLSQEEEVLSVEQLGGMTNQNYLAKTTNKQYIVKFFGKGTEKLINRQDE
KYNLELLKDLGLDVKNYLFDIEAGIKVNEYIESAITLDSTSIKTKFDKIAPILQTIHTSAKELRGEFAPFEEIKKYESLI
EEQIPYANYESVRNAVFSLEKRLADLGVDRKSCHIDLVPENFIESPQGRLYLIDWEYSSMNDPMWDLAALFLESEFTSQE
EETFLSHYESDQTPVSHEKIAIYKILQDTIWSLWTVYKEEQGEDFGDYGVNRYQRAVKGLASYGGSDEK
;
_entity_poly.pdbx_strand_id   A,B
#
# COMPACT_ATOMS: atom_id res chain seq x y z
N GLY A 18 20.69 29.57 -39.92
CA GLY A 18 21.46 30.42 -39.05
C GLY A 18 20.52 31.47 -38.54
N SER A 19 21.02 32.50 -37.86
CA SER A 19 22.46 32.60 -37.67
C SER A 19 23.06 33.04 -36.32
N HIS A 20 22.59 34.05 -35.61
CA HIS A 20 23.22 34.32 -34.33
C HIS A 20 22.97 33.24 -33.29
N MET A 21 21.81 32.63 -33.33
CA MET A 21 21.63 31.48 -32.43
C MET A 21 22.55 30.34 -32.89
N GLU A 22 22.59 30.09 -34.20
CA GLU A 22 23.53 29.14 -34.79
C GLU A 22 24.97 29.48 -34.39
N LYS A 23 25.31 30.75 -34.40
CA LYS A 23 26.65 31.13 -34.04
C LYS A 23 26.95 30.87 -32.61
N ILE A 24 26.02 31.20 -31.74
CA ILE A 24 26.20 30.91 -30.30
C ILE A 24 26.36 29.43 -30.01
N ILE A 25 25.53 28.60 -30.65
CA ILE A 25 25.58 27.16 -30.43
C ILE A 25 26.93 26.58 -30.85
N LYS A 26 27.44 27.04 -32.01
CA LYS A 26 28.79 26.68 -32.46
C LYS A 26 29.84 27.31 -31.55
N GLU A 27 29.61 28.57 -31.18
CA GLU A 27 30.47 29.33 -30.26
C GLU A 27 30.58 28.62 -28.91
N LYS A 28 29.61 27.77 -28.59
CA LYS A 28 29.53 27.13 -27.28
C LYS A 28 29.87 25.63 -27.20
N ILE A 29 29.94 24.95 -28.34
CA ILE A 29 30.25 23.50 -28.33
C ILE A 29 31.56 23.11 -29.04
N SER A 30 32.26 24.09 -29.62
CA SER A 30 33.53 23.82 -30.29
C SER A 30 34.62 23.40 -29.28
N SER A 31 34.46 23.83 -28.02
CA SER A 31 35.37 23.44 -26.94
C SER A 31 35.22 21.96 -26.57
N LEU A 32 34.16 21.34 -27.08
CA LEU A 32 33.95 19.90 -26.94
C LEU A 32 34.40 19.14 -28.19
N LEU A 33 34.60 19.89 -29.28
CA LEU A 33 34.99 19.30 -30.55
C LEU A 33 36.49 19.02 -30.56
N SER A 34 36.84 17.74 -30.69
CA SER A 34 38.24 17.34 -30.74
C SER A 34 38.90 17.78 -32.03
N GLN A 35 40.22 17.68 -32.09
CA GLN A 35 40.97 18.07 -33.28
C GLN A 35 40.23 17.67 -34.56
N GLU A 36 40.29 18.53 -35.57
CA GLU A 36 39.63 18.27 -36.84
C GLU A 36 38.15 17.91 -36.91
N GLU A 37 37.32 18.69 -36.20
CA GLU A 37 35.89 18.46 -36.17
C GLU A 37 35.03 19.71 -36.30
N GLU A 38 34.00 19.63 -37.12
CA GLU A 38 33.10 20.76 -37.34
C GLU A 38 31.61 20.43 -37.17
N VAL A 39 30.84 21.47 -36.85
CA VAL A 39 29.39 21.37 -36.73
C VAL A 39 28.76 21.39 -38.13
N LEU A 40 28.03 20.33 -38.44
CA LEU A 40 27.37 20.18 -39.73
C LEU A 40 26.06 20.93 -39.81
N SER A 41 25.18 20.70 -38.83
CA SER A 41 23.88 21.36 -38.77
C SER A 41 23.36 21.55 -37.34
N VAL A 42 22.49 22.55 -37.18
CA VAL A 42 21.88 22.86 -35.89
C VAL A 42 20.38 22.99 -36.08
N GLU A 43 19.63 22.21 -35.30
CA GLU A 43 18.19 22.06 -35.46
C GLU A 43 17.48 22.42 -34.14
N GLN A 44 16.31 23.05 -34.24
CA GLN A 44 15.50 23.34 -33.04
C GLN A 44 14.72 22.08 -32.68
N LEU A 45 14.68 21.76 -31.40
CA LEU A 45 13.89 20.65 -30.90
C LEU A 45 12.68 21.19 -30.16
N GLY A 46 11.67 20.35 -29.98
CA GLY A 46 10.56 20.67 -29.09
C GLY A 46 11.05 20.68 -27.64
N GLY A 47 10.11 20.82 -26.71
CA GLY A 47 10.43 20.83 -25.30
C GLY A 47 9.55 21.82 -24.58
N MET A 48 9.21 21.52 -23.34
CA MET A 48 8.30 22.39 -22.61
C MET A 48 9.03 23.38 -21.71
N THR A 49 10.06 22.92 -21.00
CA THR A 49 10.76 23.76 -20.03
C THR A 49 11.77 24.73 -20.64
N ASN A 50 12.60 24.22 -21.54
CA ASN A 50 13.76 24.94 -22.06
C ASN A 50 13.73 25.15 -23.57
N GLN A 51 14.66 25.97 -24.04
CA GLN A 51 14.84 26.24 -25.47
C GLN A 51 15.90 25.24 -25.98
N ASN A 52 15.44 24.20 -26.69
CA ASN A 52 16.30 23.05 -27.02
C ASN A 52 16.73 22.94 -28.48
N TYR A 53 17.98 22.51 -28.67
CA TYR A 53 18.56 22.32 -30.00
C TYR A 53 19.35 21.02 -30.13
N LEU A 54 19.45 20.54 -31.37
CA LEU A 54 20.26 19.38 -31.73
C LEU A 54 21.42 19.81 -32.63
N ALA A 55 22.64 19.74 -32.11
CA ALA A 55 23.83 20.06 -32.89
C ALA A 55 24.44 18.78 -33.46
N LYS A 56 24.40 18.65 -34.78
CA LYS A 56 24.97 17.51 -35.47
C LYS A 56 26.38 17.85 -35.94
N THR A 57 27.36 17.05 -35.52
CA THR A 57 28.76 17.30 -35.88
C THR A 57 29.32 16.15 -36.73
N THR A 58 30.62 16.22 -37.02
CA THR A 58 31.31 15.20 -37.81
C THR A 58 31.23 13.84 -37.11
N ASN A 59 31.68 13.79 -35.86
CA ASN A 59 31.73 12.55 -35.08
C ASN A 59 30.39 12.15 -34.46
N LYS A 60 29.74 13.11 -33.79
CA LYS A 60 28.53 12.81 -33.01
C LYS A 60 27.54 13.97 -32.90
N GLN A 61 26.41 13.71 -32.24
CA GLN A 61 25.35 14.70 -32.06
C GLN A 61 25.22 15.08 -30.60
N TYR A 62 24.87 16.34 -30.35
CA TYR A 62 24.73 16.87 -29.00
C TYR A 62 23.38 17.54 -28.82
N ILE A 63 22.77 17.33 -27.64
CA ILE A 63 21.57 18.06 -27.24
C ILE A 63 22.03 19.31 -26.51
N VAL A 64 21.57 20.46 -26.99
CA VAL A 64 21.93 21.72 -26.37
C VAL A 64 20.66 22.33 -25.77
N LYS A 65 20.71 22.60 -24.46
CA LYS A 65 19.55 23.13 -23.75
C LYS A 65 19.86 24.49 -23.15
N PHE A 66 19.15 25.51 -23.62
CA PHE A 66 19.26 26.86 -23.04
C PHE A 66 18.14 27.05 -22.02
N PHE A 67 18.51 27.50 -20.83
CA PHE A 67 17.56 27.60 -19.72
C PHE A 67 16.37 28.42 -20.17
N GLY A 68 15.19 27.84 -20.08
CA GLY A 68 13.98 28.44 -20.59
C GLY A 68 13.54 29.73 -19.92
N LYS A 69 12.60 30.40 -20.58
CA LYS A 69 12.02 31.66 -20.11
C LYS A 69 11.37 31.53 -18.73
N GLY A 70 11.84 32.34 -17.78
CA GLY A 70 11.29 32.37 -16.42
C GLY A 70 11.67 31.23 -15.49
N THR A 71 12.38 30.23 -16.03
CA THR A 71 12.69 29.02 -15.28
C THR A 71 13.65 29.24 -14.12
N GLU A 72 14.35 30.37 -14.10
CA GLU A 72 15.24 30.71 -12.99
C GLU A 72 14.49 30.77 -11.65
N LYS A 73 13.22 31.17 -11.70
CA LYS A 73 12.37 31.20 -10.52
C LYS A 73 11.83 29.82 -10.15
N LEU A 74 11.91 28.89 -11.10
CA LEU A 74 11.30 27.57 -10.93
C LEU A 74 12.31 26.53 -10.48
N ILE A 75 13.51 26.63 -11.03
CA ILE A 75 14.55 25.62 -10.88
C ILE A 75 15.83 26.29 -10.34
N ASN A 76 16.35 25.75 -9.24
CA ASN A 76 17.65 26.17 -8.77
C ASN A 76 18.71 25.45 -9.60
N ARG A 77 19.39 26.19 -10.46
CA ARG A 77 20.30 25.58 -11.43
C ARG A 77 21.58 25.06 -10.77
N GLN A 78 21.99 25.67 -9.67
CA GLN A 78 23.13 25.18 -8.89
C GLN A 78 22.80 23.85 -8.22
N ASP A 79 21.57 23.74 -7.73
CA ASP A 79 21.08 22.48 -7.19
C ASP A 79 21.03 21.41 -8.29
N GLU A 80 20.55 21.77 -9.47
CA GLU A 80 20.47 20.84 -10.58
C GLU A 80 21.86 20.30 -10.92
N LYS A 81 22.84 21.20 -10.98
CA LYS A 81 24.21 20.80 -11.30
C LYS A 81 24.76 19.83 -10.26
N TYR A 82 24.49 20.12 -8.99
CA TYR A 82 24.95 19.26 -7.90
C TYR A 82 24.31 17.90 -8.10
N ASN A 83 23.01 17.90 -8.39
CA ASN A 83 22.24 16.66 -8.46
C ASN A 83 22.67 15.82 -9.67
N LEU A 84 23.03 16.46 -10.77
CA LEU A 84 23.59 15.75 -11.93
C LEU A 84 24.87 15.00 -11.59
N GLU A 85 25.78 15.67 -10.90
CA GLU A 85 27.03 15.08 -10.44
C GLU A 85 26.81 13.92 -9.45
N LEU A 86 25.96 14.18 -8.46
CA LEU A 86 25.55 13.18 -7.45
C LEU A 86 24.98 11.90 -8.06
N LEU A 87 24.13 12.02 -9.08
CA LEU A 87 23.42 10.86 -9.65
C LEU A 87 24.17 10.09 -10.73
N LYS A 88 25.32 10.63 -11.15
CA LYS A 88 26.10 10.06 -12.23
C LYS A 88 26.36 8.56 -12.04
N ASP A 89 26.74 8.16 -10.84
CA ASP A 89 27.13 6.75 -10.63
C ASP A 89 25.96 5.75 -10.66
N LEU A 90 24.73 6.25 -10.63
CA LEU A 90 23.57 5.37 -10.74
C LEU A 90 23.41 4.84 -12.16
N GLY A 91 23.97 5.56 -13.12
CA GLY A 91 23.87 5.17 -14.53
C GLY A 91 22.46 5.19 -15.11
N LEU A 92 21.59 6.08 -14.63
CA LEU A 92 20.22 6.14 -15.15
C LEU A 92 20.07 7.14 -16.29
N ASP A 93 20.79 8.25 -16.17
CA ASP A 93 20.69 9.36 -17.12
C ASP A 93 21.76 9.16 -18.20
N VAL A 94 21.64 9.90 -19.28
CA VAL A 94 22.71 10.03 -20.28
C VAL A 94 23.76 11.01 -19.74
N LYS A 95 24.88 11.12 -20.44
CA LYS A 95 25.97 12.00 -20.05
C LYS A 95 25.68 13.47 -20.27
N ASN A 96 26.17 14.27 -19.33
CA ASN A 96 26.18 15.71 -19.48
C ASN A 96 27.62 16.13 -19.76
N TYR A 97 27.83 16.81 -20.88
CA TYR A 97 29.17 17.29 -21.22
C TYR A 97 29.45 18.70 -20.71
N LEU A 98 28.46 19.57 -20.76
CA LEU A 98 28.63 20.92 -20.25
C LEU A 98 27.43 21.36 -19.43
N PHE A 99 27.71 21.97 -18.28
CA PHE A 99 26.68 22.61 -17.47
C PHE A 99 27.21 23.97 -17.00
N ASP A 100 26.85 25.00 -17.74
CA ASP A 100 27.40 26.34 -17.52
C ASP A 100 26.28 27.31 -17.17
N ILE A 101 26.08 27.50 -15.86
CA ILE A 101 25.00 28.30 -15.30
C ILE A 101 25.05 29.77 -15.76
N GLU A 102 26.24 30.35 -15.77
CA GLU A 102 26.41 31.75 -16.13
C GLU A 102 25.99 32.01 -17.57
N ALA A 103 26.36 31.08 -18.46
CA ALA A 103 26.00 31.16 -19.88
C ALA A 103 24.54 30.71 -20.14
N GLY A 104 23.94 30.04 -19.15
CA GLY A 104 22.53 29.64 -19.24
C GLY A 104 22.31 28.43 -20.14
N ILE A 105 23.32 27.57 -20.22
CA ILE A 105 23.34 26.48 -21.19
C ILE A 105 23.75 25.12 -20.60
N LYS A 106 23.15 24.05 -21.11
CA LYS A 106 23.70 22.72 -20.86
C LYS A 106 23.76 21.89 -22.14
N VAL A 107 24.74 20.99 -22.21
CA VAL A 107 24.92 20.12 -23.39
C VAL A 107 24.97 18.68 -22.93
N ASN A 108 24.09 17.89 -23.51
CA ASN A 108 23.98 16.49 -23.16
C ASN A 108 24.30 15.61 -24.35
N GLU A 109 24.69 14.38 -24.04
CA GLU A 109 24.86 13.33 -25.02
C GLU A 109 23.52 13.04 -25.68
N TYR A 110 23.56 12.85 -26.99
CA TYR A 110 22.39 12.43 -27.73
C TYR A 110 22.63 10.98 -28.13
N ILE A 111 21.74 10.09 -27.71
CA ILE A 111 21.86 8.68 -28.04
C ILE A 111 21.32 8.40 -29.44
N GLU A 112 22.20 7.88 -30.29
CA GLU A 112 21.89 7.57 -31.68
C GLU A 112 20.99 6.36 -31.82
N SER A 113 20.00 6.49 -32.71
CA SER A 113 19.05 5.42 -33.00
C SER A 113 18.28 4.97 -31.77
N ALA A 114 18.28 5.81 -30.73
CA ALA A 114 17.45 5.56 -29.55
C ALA A 114 15.99 5.81 -29.89
N ILE A 115 15.12 5.16 -29.13
CA ILE A 115 13.67 5.31 -29.21
C ILE A 115 13.18 6.08 -27.98
N THR A 116 12.40 7.13 -28.22
CA THR A 116 11.77 7.89 -27.13
C THR A 116 10.42 7.24 -26.86
N LEU A 117 10.19 6.83 -25.62
CA LEU A 117 8.92 6.22 -25.25
C LEU A 117 7.75 7.20 -25.35
N ASP A 118 6.56 6.65 -25.53
CA ASP A 118 5.34 7.45 -25.50
C ASP A 118 4.31 6.72 -24.64
N SER A 119 3.12 7.30 -24.49
CA SER A 119 2.09 6.70 -23.62
C SER A 119 1.64 5.31 -24.06
N THR A 120 1.91 4.96 -25.32
CA THR A 120 1.60 3.61 -25.83
C THR A 120 2.75 2.65 -25.60
N SER A 121 3.94 3.01 -26.06
CA SER A 121 5.09 2.10 -25.99
C SER A 121 5.56 1.87 -24.54
N ILE A 122 5.27 2.82 -23.66
CA ILE A 122 5.64 2.69 -22.25
C ILE A 122 4.98 1.48 -21.56
N LYS A 123 3.78 1.13 -22.00
CA LYS A 123 3.04 0.02 -21.41
C LYS A 123 3.72 -1.33 -21.63
N THR A 124 4.70 -1.37 -22.52
CA THR A 124 5.40 -2.63 -22.82
C THR A 124 6.76 -2.72 -22.10
N LYS A 125 7.11 -1.70 -21.29
CA LYS A 125 8.45 -1.62 -20.71
C LYS A 125 8.44 -1.70 -19.19
N PHE A 126 7.42 -2.34 -18.62
CA PHE A 126 7.30 -2.32 -17.15
C PHE A 126 8.52 -2.94 -16.47
N ASP A 127 9.03 -4.04 -17.03
CA ASP A 127 10.14 -4.76 -16.42
C ASP A 127 11.47 -3.99 -16.54
N LYS A 128 11.49 -2.92 -17.34
CA LYS A 128 12.67 -2.07 -17.41
C LYS A 128 12.49 -0.81 -16.61
N ILE A 129 11.26 -0.30 -16.54
CA ILE A 129 10.98 0.94 -15.81
C ILE A 129 10.94 0.73 -14.30
N ALA A 130 10.33 -0.36 -13.86
CA ALA A 130 10.23 -0.63 -12.43
C ALA A 130 11.61 -0.66 -11.75
N PRO A 131 12.61 -1.33 -12.36
CA PRO A 131 13.91 -1.37 -11.70
C PRO A 131 14.62 -0.01 -11.68
N ILE A 132 14.40 0.80 -12.71
CA ILE A 132 14.91 2.17 -12.75
C ILE A 132 14.37 2.97 -11.56
N LEU A 133 13.06 2.89 -11.35
CA LEU A 133 12.44 3.62 -10.25
C LEU A 133 12.85 3.08 -8.89
N GLN A 134 12.97 1.75 -8.77
CA GLN A 134 13.45 1.14 -7.54
C GLN A 134 14.86 1.64 -7.22
N THR A 135 15.69 1.68 -8.26
CA THR A 135 17.05 2.18 -8.18
C THR A 135 17.11 3.58 -7.58
N ILE A 136 16.41 4.54 -8.17
CA ILE A 136 16.44 5.91 -7.64
C ILE A 136 15.78 6.02 -6.25
N HIS A 137 14.61 5.43 -6.07
CA HIS A 137 13.92 5.54 -4.79
C HIS A 137 14.65 4.91 -3.59
N THR A 138 15.44 3.87 -3.81
CA THR A 138 16.19 3.23 -2.73
C THR A 138 17.67 3.62 -2.75
N SER A 139 18.02 4.63 -3.54
CA SER A 139 19.43 5.02 -3.71
C SER A 139 20.12 5.63 -2.47
N ALA A 140 19.33 6.17 -1.55
CA ALA A 140 19.85 6.95 -0.38
C ALA A 140 20.51 8.26 -0.80
N LYS A 141 20.38 8.62 -2.07
CA LYS A 141 20.94 9.88 -2.56
C LYS A 141 20.25 11.05 -1.87
N GLU A 142 21.05 11.95 -1.28
CA GLU A 142 20.53 13.22 -0.78
C GLU A 142 20.63 14.25 -1.88
N LEU A 143 19.51 14.49 -2.56
CA LEU A 143 19.48 15.52 -3.58
C LEU A 143 19.40 16.88 -2.91
N ARG A 144 19.95 17.88 -3.56
CA ARG A 144 19.76 19.26 -3.13
C ARG A 144 18.38 19.72 -3.55
N GLY A 145 17.54 20.08 -2.58
CA GLY A 145 16.21 20.59 -2.87
C GLY A 145 15.12 19.59 -2.50
N GLU A 146 14.04 20.11 -1.94
CA GLU A 146 12.89 19.28 -1.57
C GLU A 146 11.67 19.74 -2.35
N PHE A 147 10.85 18.77 -2.73
CA PHE A 147 9.61 19.10 -3.39
C PHE A 147 8.49 18.98 -2.37
N ALA A 148 8.06 20.12 -1.86
CA ALA A 148 6.97 20.20 -0.90
C ALA A 148 5.77 20.73 -1.68
N PRO A 149 4.82 19.84 -2.02
CA PRO A 149 3.79 20.16 -3.01
C PRO A 149 2.97 21.39 -2.67
N PHE A 150 2.59 21.53 -1.41
CA PHE A 150 1.75 22.67 -1.00
C PHE A 150 2.53 23.96 -1.01
N GLU A 151 3.82 23.86 -0.71
CA GLU A 151 4.71 24.99 -0.83
C GLU A 151 4.88 25.37 -2.30
N GLU A 152 4.92 24.36 -3.18
CA GLU A 152 5.05 24.59 -4.62
C GLU A 152 3.85 25.34 -5.20
N ILE A 153 2.66 24.98 -4.74
CA ILE A 153 1.44 25.68 -5.14
C ILE A 153 1.52 27.16 -4.76
N LYS A 154 1.92 27.43 -3.53
CA LYS A 154 2.06 28.81 -3.09
C LYS A 154 3.10 29.52 -3.94
N LYS A 155 4.16 28.81 -4.32
CA LYS A 155 5.22 29.38 -5.15
C LYS A 155 4.65 29.85 -6.48
N TYR A 156 3.92 28.98 -7.16
CA TYR A 156 3.38 29.33 -8.48
C TYR A 156 2.34 30.45 -8.37
N GLU A 157 1.55 30.40 -7.31
CA GLU A 157 0.60 31.48 -7.01
C GLU A 157 1.23 32.87 -6.96
N SER A 158 2.38 33.00 -6.30
CA SER A 158 3.00 34.32 -6.20
C SER A 158 3.82 34.69 -7.43
N LEU A 159 4.28 33.69 -8.19
CA LEU A 159 4.97 33.96 -9.46
C LEU A 159 3.99 34.44 -10.54
N ILE A 160 2.77 33.91 -10.53
CA ILE A 160 1.78 34.30 -11.52
C ILE A 160 1.35 35.77 -11.27
N GLU A 161 1.54 36.63 -12.28
CA GLU A 161 1.24 38.08 -12.17
C GLU A 161 -0.24 38.41 -12.30
N GLU A 162 -0.89 37.81 -13.30
CA GLU A 162 -2.31 37.99 -13.52
C GLU A 162 -3.11 37.09 -12.58
N GLN A 163 -4.42 37.31 -12.49
CA GLN A 163 -5.25 36.37 -11.77
C GLN A 163 -5.28 35.01 -12.49
N ILE A 164 -5.31 33.95 -11.69
CA ILE A 164 -5.39 32.60 -12.22
C ILE A 164 -6.71 32.42 -12.98
N PRO A 165 -6.62 32.01 -14.26
CA PRO A 165 -7.76 31.98 -15.20
C PRO A 165 -8.76 30.83 -14.98
N TYR A 166 -8.40 29.86 -14.16
CA TYR A 166 -9.18 28.64 -14.00
C TYR A 166 -10.43 28.85 -13.13
N ALA A 167 -11.54 28.25 -13.55
CA ALA A 167 -12.84 28.42 -12.87
C ALA A 167 -12.82 27.89 -11.44
N ASN A 168 -13.40 28.69 -10.54
CA ASN A 168 -13.63 28.32 -9.15
C ASN A 168 -12.33 28.06 -8.37
N TYR A 169 -11.29 28.79 -8.73
CA TYR A 169 -9.98 28.50 -8.20
C TYR A 169 -9.91 28.49 -6.67
N GLU A 170 -10.45 29.52 -6.01
CA GLU A 170 -10.22 29.64 -4.57
C GLU A 170 -10.80 28.43 -3.82
N SER A 171 -11.93 27.93 -4.30
CA SER A 171 -12.60 26.76 -3.74
C SER A 171 -11.87 25.44 -4.07
N VAL A 172 -11.44 25.30 -5.32
CA VAL A 172 -10.57 24.18 -5.71
C VAL A 172 -9.27 24.18 -4.89
N ARG A 173 -8.61 25.33 -4.81
CA ARG A 173 -7.39 25.48 -4.02
C ARG A 173 -7.59 24.99 -2.58
N ASN A 174 -8.68 25.41 -1.95
CA ASN A 174 -9.00 24.98 -0.59
C ASN A 174 -9.21 23.46 -0.48
N ALA A 175 -9.91 22.89 -1.44
CA ALA A 175 -10.13 21.45 -1.48
C ALA A 175 -8.79 20.73 -1.63
N VAL A 176 -7.92 21.29 -2.47
CA VAL A 176 -6.59 20.72 -2.67
C VAL A 176 -5.79 20.78 -1.39
N PHE A 177 -5.82 21.92 -0.69
CA PHE A 177 -5.06 22.08 0.55
C PHE A 177 -5.57 21.24 1.70
N SER A 178 -6.85 20.85 1.69
CA SER A 178 -7.34 19.89 2.69
C SER A 178 -6.60 18.54 2.65
N LEU A 179 -6.03 18.21 1.50
CA LEU A 179 -5.27 16.95 1.32
C LEU A 179 -3.96 16.91 2.09
N GLU A 180 -3.46 18.08 2.50
CA GLU A 180 -2.22 18.15 3.24
C GLU A 180 -2.30 17.39 4.56
N LYS A 181 -3.43 17.53 5.26
CA LYS A 181 -3.64 16.82 6.51
C LYS A 181 -3.74 15.31 6.27
N ARG A 182 -4.44 14.93 5.20
CA ARG A 182 -4.56 13.51 4.86
C ARG A 182 -3.19 12.89 4.65
N LEU A 183 -2.33 13.60 3.91
CA LEU A 183 -0.98 13.12 3.64
C LEU A 183 -0.19 12.97 4.91
N ALA A 184 -0.27 13.95 5.81
CA ALA A 184 0.44 13.86 7.09
C ALA A 184 -0.02 12.65 7.91
N ASP A 185 -1.32 12.39 7.90
CA ASP A 185 -1.89 11.21 8.55
C ASP A 185 -1.42 9.89 7.91
N LEU A 186 -1.23 9.89 6.59
CA LEU A 186 -0.75 8.70 5.88
C LEU A 186 0.76 8.46 6.05
N GLY A 187 1.50 9.54 6.30
CA GLY A 187 2.94 9.45 6.40
C GLY A 187 3.52 9.82 5.05
N VAL A 188 4.42 10.80 5.05
CA VAL A 188 5.07 11.29 3.83
C VAL A 188 6.54 10.91 3.93
N ASP A 189 7.04 10.20 2.91
CA ASP A 189 8.45 9.81 2.83
C ASP A 189 9.30 10.85 2.12
N ARG A 190 10.61 10.82 2.36
CA ARG A 190 11.54 11.79 1.79
C ARG A 190 12.71 11.04 1.14
N LYS A 191 12.61 10.85 -0.18
CA LYS A 191 13.57 10.06 -0.94
C LYS A 191 13.88 10.78 -2.23
N SER A 192 14.99 10.41 -2.88
CA SER A 192 15.35 11.00 -4.16
C SER A 192 14.30 10.56 -5.20
N CYS A 193 13.71 11.54 -5.87
CA CYS A 193 12.64 11.32 -6.85
C CYS A 193 12.97 12.07 -8.13
N HIS A 194 12.46 11.59 -9.25
CA HIS A 194 12.69 12.24 -10.54
C HIS A 194 11.76 13.46 -10.69
N ILE A 195 10.54 13.30 -10.22
CA ILE A 195 9.46 14.34 -10.19
C ILE A 195 8.69 14.57 -11.45
N ASP A 196 9.17 14.07 -12.58
CA ASP A 196 8.53 14.43 -13.90
C ASP A 196 8.58 13.21 -14.82
N LEU A 197 7.80 12.19 -14.48
CA LEU A 197 7.87 10.96 -15.25
C LEU A 197 6.95 10.92 -16.48
N VAL A 198 7.07 11.92 -17.34
CA VAL A 198 6.40 11.89 -18.65
C VAL A 198 7.07 10.80 -19.49
N PRO A 199 6.31 10.13 -20.37
CA PRO A 199 6.93 8.99 -21.07
C PRO A 199 8.15 9.36 -21.94
N GLU A 200 8.17 10.57 -22.47
CA GLU A 200 9.28 11.05 -23.31
C GLU A 200 10.59 11.20 -22.54
N ASN A 201 10.52 11.12 -21.21
CA ASN A 201 11.74 11.12 -20.41
C ASN A 201 12.44 9.76 -20.34
N PHE A 202 11.82 8.76 -20.95
CA PHE A 202 12.46 7.45 -21.08
C PHE A 202 12.88 7.24 -22.53
N ILE A 203 14.15 6.88 -22.72
CA ILE A 203 14.67 6.54 -24.05
C ILE A 203 15.33 5.17 -24.02
N GLU A 204 15.14 4.41 -25.08
CA GLU A 204 15.69 3.07 -25.20
C GLU A 204 16.72 3.03 -26.31
N SER A 205 17.95 2.68 -25.95
CA SER A 205 19.04 2.60 -26.93
C SER A 205 18.93 1.29 -27.76
N PRO A 206 19.75 1.16 -28.83
CA PRO A 206 19.67 -0.06 -29.65
C PRO A 206 19.93 -1.38 -28.91
N GLN A 207 20.82 -1.37 -27.91
CA GLN A 207 21.03 -2.57 -27.08
C GLN A 207 19.78 -2.94 -26.28
N GLY A 208 18.84 -2.01 -26.14
CA GLY A 208 17.63 -2.26 -25.37
C GLY A 208 17.74 -1.76 -23.94
N ARG A 209 18.69 -0.87 -23.69
CA ARG A 209 18.87 -0.25 -22.37
C ARG A 209 17.99 0.99 -22.26
N LEU A 210 17.23 1.07 -21.18
CA LEU A 210 16.38 2.23 -20.99
C LEU A 210 17.13 3.26 -20.17
N TYR A 211 17.05 4.51 -20.61
CA TYR A 211 17.58 5.64 -19.84
C TYR A 211 16.44 6.54 -19.40
N LEU A 212 16.59 7.10 -18.20
CA LEU A 212 15.64 8.07 -17.69
C LEU A 212 16.36 9.40 -17.69
N ILE A 213 15.88 10.32 -18.52
CA ILE A 213 16.57 11.60 -18.71
C ILE A 213 15.81 12.81 -18.14
N ASP A 214 16.47 13.97 -18.22
CA ASP A 214 15.85 15.27 -17.94
C ASP A 214 15.49 15.59 -16.51
N TRP A 215 16.50 15.43 -15.64
CA TRP A 215 16.34 15.48 -14.20
C TRP A 215 16.19 16.86 -13.56
N GLU A 216 15.86 17.86 -14.36
CA GLU A 216 15.87 19.24 -13.87
C GLU A 216 14.84 19.55 -12.78
N TYR A 217 13.78 18.75 -12.66
CA TYR A 217 12.79 18.92 -11.59
C TYR A 217 13.07 18.03 -10.39
N SER A 218 14.07 17.17 -10.50
CA SER A 218 14.28 16.15 -9.47
C SER A 218 14.59 16.78 -8.13
N SER A 219 14.09 16.14 -7.09
CA SER A 219 14.07 16.71 -5.76
C SER A 219 13.68 15.62 -4.77
N MET A 220 13.93 15.86 -3.49
CA MET A 220 13.46 14.95 -2.44
C MET A 220 11.93 15.05 -2.32
N ASN A 221 11.27 13.90 -2.26
CA ASN A 221 9.82 13.83 -2.25
C ASN A 221 9.43 12.42 -1.84
N ASP A 222 8.14 12.15 -1.72
CA ASP A 222 7.63 10.79 -1.50
C ASP A 222 7.64 10.10 -2.86
N PRO A 223 8.18 8.86 -2.92
CA PRO A 223 8.20 8.08 -4.16
C PRO A 223 6.82 7.87 -4.79
N MET A 224 5.75 7.96 -4.01
CA MET A 224 4.39 7.81 -4.61
C MET A 224 4.06 8.93 -5.59
N TRP A 225 4.74 10.07 -5.41
CA TRP A 225 4.67 11.16 -6.37
C TRP A 225 5.11 10.69 -7.77
N ASP A 226 6.28 10.04 -7.83
CA ASP A 226 6.83 9.54 -9.08
C ASP A 226 5.93 8.48 -9.71
N LEU A 227 5.39 7.59 -8.88
CA LEU A 227 4.41 6.60 -9.38
C LEU A 227 3.17 7.30 -9.95
N ALA A 228 2.63 8.26 -9.20
CA ALA A 228 1.47 9.04 -9.68
C ALA A 228 1.77 9.67 -11.05
N ALA A 229 2.95 10.30 -11.16
CA ALA A 229 3.38 10.95 -12.42
C ALA A 229 3.46 9.93 -13.57
N LEU A 230 4.16 8.83 -13.33
CA LEU A 230 4.23 7.76 -14.32
C LEU A 230 2.82 7.38 -14.81
N PHE A 231 1.92 7.15 -13.85
CA PHE A 231 0.57 6.66 -14.17
C PHE A 231 -0.28 7.71 -14.88
N LEU A 232 -0.19 8.94 -14.38
CA LEU A 232 -1.01 10.02 -14.87
C LEU A 232 -0.58 10.45 -16.28
N GLU A 233 0.72 10.68 -16.45
CA GLU A 233 1.25 11.22 -17.70
C GLU A 233 1.04 10.29 -18.89
N SER A 234 0.92 8.98 -18.64
CA SER A 234 0.72 7.98 -19.68
C SER A 234 -0.66 7.35 -19.62
N GLU A 235 -1.53 7.93 -18.80
CA GLU A 235 -2.90 7.47 -18.61
C GLU A 235 -2.96 5.95 -18.48
N PHE A 236 -2.30 5.41 -17.45
CA PHE A 236 -2.39 3.98 -17.16
C PHE A 236 -3.85 3.62 -16.85
N THR A 237 -4.28 2.45 -17.27
CA THR A 237 -5.55 1.90 -16.79
C THR A 237 -5.35 1.35 -15.40
N SER A 238 -6.44 1.10 -14.69
CA SER A 238 -6.38 0.51 -13.36
C SER A 238 -5.63 -0.82 -13.38
N GLN A 239 -5.87 -1.64 -14.40
CA GLN A 239 -5.17 -2.92 -14.55
C GLN A 239 -3.67 -2.73 -14.77
N GLU A 240 -3.32 -1.76 -15.62
CA GLU A 240 -1.92 -1.45 -15.89
C GLU A 240 -1.20 -0.97 -14.63
N GLU A 241 -1.88 -0.20 -13.80
CA GLU A 241 -1.28 0.30 -12.56
C GLU A 241 -1.00 -0.87 -11.64
N GLU A 242 -1.98 -1.76 -11.49
CA GLU A 242 -1.81 -2.94 -10.64
C GLU A 242 -0.64 -3.82 -11.12
N THR A 243 -0.52 -3.97 -12.42
CA THR A 243 0.52 -4.79 -13.01
C THR A 243 1.88 -4.12 -12.82
N PHE A 244 1.95 -2.80 -13.04
CA PHE A 244 3.21 -2.11 -12.78
C PHE A 244 3.61 -2.22 -11.31
N LEU A 245 2.64 -2.07 -10.42
CA LEU A 245 2.93 -2.11 -8.99
C LEU A 245 3.47 -3.47 -8.53
N SER A 246 2.99 -4.57 -9.12
CA SER A 246 3.59 -5.88 -8.81
C SER A 246 5.06 -5.96 -9.25
N HIS A 247 5.43 -5.25 -10.31
CA HIS A 247 6.85 -5.11 -10.67
C HIS A 247 7.63 -4.28 -9.64
N TYR A 248 7.00 -3.22 -9.13
CA TYR A 248 7.69 -2.21 -8.31
C TYR A 248 7.74 -2.49 -6.80
N GLU A 249 6.60 -2.89 -6.23
CA GLU A 249 6.44 -3.00 -4.79
C GLU A 249 7.41 -4.01 -4.19
N SER A 250 8.09 -3.61 -3.13
CA SER A 250 8.98 -4.51 -2.42
C SER A 250 9.12 -4.01 -1.01
N ASP A 251 9.83 -4.76 -0.18
CA ASP A 251 10.06 -4.35 1.22
C ASP A 251 10.69 -2.96 1.28
N GLN A 252 11.58 -2.67 0.34
CA GLN A 252 12.29 -1.38 0.27
C GLN A 252 11.55 -0.29 -0.51
N THR A 253 10.54 -0.69 -1.27
CA THR A 253 9.72 0.25 -2.04
C THR A 253 8.24 0.01 -1.76
N PRO A 254 7.78 0.38 -0.53
CA PRO A 254 6.37 0.17 -0.20
C PRO A 254 5.46 1.05 -1.05
N VAL A 255 4.22 0.60 -1.22
CA VAL A 255 3.23 1.29 -2.06
C VAL A 255 1.97 1.61 -1.26
N SER A 256 1.54 2.86 -1.35
CA SER A 256 0.25 3.27 -0.83
C SER A 256 -0.61 3.76 -1.98
N HIS A 257 -1.71 3.08 -2.25
CA HIS A 257 -2.60 3.45 -3.34
C HIS A 257 -3.24 4.81 -3.12
N GLU A 258 -3.64 5.11 -1.88
CA GLU A 258 -4.27 6.38 -1.60
C GLU A 258 -3.29 7.53 -1.83
N LYS A 259 -2.05 7.37 -1.40
CA LYS A 259 -1.06 8.42 -1.63
C LYS A 259 -0.90 8.70 -3.11
N ILE A 260 -0.90 7.65 -3.93
CA ILE A 260 -0.82 7.84 -5.38
C ILE A 260 -1.99 8.66 -5.90
N ALA A 261 -3.19 8.35 -5.44
CA ALA A 261 -4.39 9.06 -5.87
C ALA A 261 -4.28 10.54 -5.50
N ILE A 262 -3.80 10.82 -4.30
CA ILE A 262 -3.64 12.19 -3.86
C ILE A 262 -2.61 12.95 -4.71
N TYR A 263 -1.47 12.31 -4.97
CA TYR A 263 -0.39 12.96 -5.71
C TYR A 263 -0.78 13.23 -7.14
N LYS A 264 -1.64 12.39 -7.71
CA LYS A 264 -2.19 12.68 -9.04
C LYS A 264 -2.92 14.04 -9.06
N ILE A 265 -3.70 14.31 -8.01
CA ILE A 265 -4.45 15.57 -7.89
C ILE A 265 -3.48 16.74 -7.72
N LEU A 266 -2.46 16.54 -6.88
CA LEU A 266 -1.48 17.60 -6.62
C LEU A 266 -0.70 17.95 -7.87
N GLN A 267 -0.37 16.93 -8.67
CA GLN A 267 0.37 17.11 -9.92
C GLN A 267 -0.44 17.90 -10.92
N ASP A 268 -1.66 17.46 -11.18
CA ASP A 268 -2.54 18.22 -12.06
C ASP A 268 -2.68 19.66 -11.59
N THR A 269 -2.84 19.85 -10.28
CA THR A 269 -2.94 21.20 -9.74
C THR A 269 -1.68 22.02 -10.03
N ILE A 270 -0.54 21.50 -9.59
CA ILE A 270 0.74 22.20 -9.74
C ILE A 270 1.11 22.47 -11.20
N TRP A 271 0.96 21.48 -12.08
CA TRP A 271 1.40 21.71 -13.46
C TRP A 271 0.46 22.60 -14.25
N SER A 272 -0.81 22.67 -13.84
CA SER A 272 -1.74 23.60 -14.45
C SER A 272 -1.35 25.03 -14.07
N LEU A 273 -0.77 25.20 -12.88
CA LEU A 273 -0.30 26.51 -12.43
C LEU A 273 1.03 26.88 -13.09
N TRP A 274 1.92 25.90 -13.19
CA TRP A 274 3.16 26.00 -13.94
C TRP A 274 2.86 26.49 -15.37
N THR A 275 1.81 25.94 -15.98
CA THR A 275 1.40 26.31 -17.31
C THR A 275 1.00 27.78 -17.42
N VAL A 276 0.29 28.28 -16.42
CA VAL A 276 -0.12 29.69 -16.41
C VAL A 276 1.11 30.57 -16.34
N TYR A 277 2.05 30.18 -15.48
CA TYR A 277 3.29 30.94 -15.34
C TYR A 277 4.11 30.96 -16.63
N LYS A 278 4.29 29.78 -17.23
CA LYS A 278 5.04 29.61 -18.45
C LYS A 278 4.41 30.41 -19.59
N GLU A 279 3.09 30.40 -19.66
CA GLU A 279 2.41 31.16 -20.71
C GLU A 279 2.50 32.67 -20.52
N GLU A 280 2.64 33.13 -19.30
CA GLU A 280 2.96 34.53 -19.04
C GLU A 280 4.40 34.87 -19.45
N GLN A 281 5.26 33.86 -19.47
CA GLN A 281 6.65 34.06 -19.80
C GLN A 281 6.88 33.95 -21.32
N GLY A 282 5.79 33.83 -22.07
CA GLY A 282 5.86 33.82 -23.51
C GLY A 282 5.39 32.54 -24.19
N GLU A 283 5.18 31.48 -23.43
CA GLU A 283 4.81 30.20 -24.04
C GLU A 283 3.34 30.14 -24.44
N ASP A 284 3.01 29.18 -25.29
CA ASP A 284 1.63 28.83 -25.56
C ASP A 284 1.53 27.30 -25.67
N PHE A 285 0.82 26.70 -24.72
CA PHE A 285 0.64 25.25 -24.71
C PHE A 285 -0.79 24.83 -25.04
N GLY A 286 -1.51 25.67 -25.77
CA GLY A 286 -2.89 25.36 -26.15
C GLY A 286 -3.74 25.15 -24.92
N ASP A 287 -4.39 23.99 -24.84
CA ASP A 287 -5.29 23.66 -23.75
C ASP A 287 -4.61 22.85 -22.65
N TYR A 288 -3.29 22.69 -22.72
CA TYR A 288 -2.56 21.84 -21.78
C TYR A 288 -2.97 22.16 -20.33
N GLY A 289 -2.87 23.44 -19.96
CA GLY A 289 -3.11 23.90 -18.60
C GLY A 289 -4.53 23.69 -18.12
N VAL A 290 -5.51 24.14 -18.90
CA VAL A 290 -6.91 23.97 -18.53
C VAL A 290 -7.31 22.49 -18.43
N ASN A 291 -6.77 21.67 -19.31
CA ASN A 291 -7.07 20.25 -19.31
C ASN A 291 -6.54 19.59 -18.04
N ARG A 292 -5.35 20.00 -17.59
CA ARG A 292 -4.79 19.44 -16.35
C ARG A 292 -5.61 19.89 -15.15
N TYR A 293 -5.95 21.19 -15.14
CA TYR A 293 -6.76 21.76 -14.05
C TYR A 293 -8.11 21.04 -13.92
N GLN A 294 -8.74 20.80 -15.06
CA GLN A 294 -10.04 20.14 -15.05
C GLN A 294 -9.93 18.69 -14.59
N ARG A 295 -8.80 18.05 -14.89
CA ARG A 295 -8.56 16.70 -14.43
C ARG A 295 -8.33 16.66 -12.91
N ALA A 296 -7.72 17.71 -12.37
CA ALA A 296 -7.60 17.84 -10.92
C ALA A 296 -8.99 17.96 -10.27
N VAL A 297 -9.86 18.77 -10.87
CA VAL A 297 -11.22 18.94 -10.35
C VAL A 297 -11.95 17.60 -10.35
N LYS A 298 -11.86 16.89 -11.47
CA LYS A 298 -12.43 15.55 -11.61
C LYS A 298 -11.84 14.58 -10.57
N GLY A 299 -10.52 14.59 -10.42
CA GLY A 299 -9.87 13.78 -9.40
C GLY A 299 -10.37 14.07 -8.00
N LEU A 300 -10.58 15.35 -7.69
CA LEU A 300 -11.10 15.75 -6.37
C LEU A 300 -12.49 15.19 -6.13
N ALA A 301 -13.35 15.28 -7.13
CA ALA A 301 -14.72 14.79 -7.05
C ALA A 301 -14.79 13.28 -6.81
N SER A 302 -13.97 12.52 -7.55
CA SER A 302 -13.89 11.07 -7.39
C SER A 302 -13.27 10.69 -6.06
N TYR A 303 -12.26 11.46 -5.62
CA TYR A 303 -11.62 11.20 -4.35
C TYR A 303 -12.58 11.50 -3.20
N GLY A 304 -13.24 12.65 -3.27
CA GLY A 304 -14.05 13.19 -2.17
C GLY A 304 -15.53 12.97 -2.35
N SER B 19 -29.34 -33.60 32.66
CA SER B 19 -28.03 -33.57 31.95
C SER B 19 -26.85 -33.58 32.91
N HIS B 20 -25.86 -34.40 32.58
CA HIS B 20 -24.58 -34.32 33.27
C HIS B 20 -23.89 -33.00 32.90
N MET B 21 -24.21 -32.48 31.71
CA MET B 21 -23.72 -31.17 31.27
C MET B 21 -24.12 -30.07 32.25
N GLU B 22 -25.42 -29.98 32.51
CA GLU B 22 -25.98 -29.10 33.54
C GLU B 22 -25.11 -29.12 34.80
N LYS B 23 -24.83 -30.32 35.30
CA LYS B 23 -24.09 -30.51 36.54
C LYS B 23 -22.69 -29.92 36.55
N ILE B 24 -21.87 -30.27 35.57
CA ILE B 24 -20.48 -29.78 35.54
C ILE B 24 -20.39 -28.28 35.30
N ILE B 25 -21.33 -27.75 34.52
CA ILE B 25 -21.42 -26.29 34.29
C ILE B 25 -21.73 -25.53 35.60
N LYS B 26 -22.81 -25.93 36.29
CA LYS B 26 -23.13 -25.41 37.62
C LYS B 26 -21.90 -25.49 38.53
N GLU B 27 -21.28 -26.68 38.57
CA GLU B 27 -20.10 -26.93 39.38
C GLU B 27 -18.97 -25.93 39.11
N LYS B 28 -18.78 -25.58 37.85
CA LYS B 28 -17.64 -24.76 37.47
C LYS B 28 -17.83 -23.28 37.77
N ILE B 29 -19.03 -22.77 37.52
CA ILE B 29 -19.34 -21.37 37.77
C ILE B 29 -19.81 -21.12 39.20
N SER B 30 -19.91 -22.19 39.99
CA SER B 30 -20.33 -22.12 41.39
C SER B 30 -19.53 -21.08 42.16
N SER B 31 -18.21 -21.16 42.07
CA SER B 31 -17.31 -20.25 42.80
C SER B 31 -17.45 -18.79 42.38
N LEU B 32 -18.19 -18.53 41.31
CA LEU B 32 -18.45 -17.16 40.86
C LEU B 32 -19.70 -16.56 41.50
N LEU B 33 -20.63 -17.42 41.90
CA LEU B 33 -21.91 -16.99 42.44
C LEU B 33 -21.90 -16.82 43.96
N SER B 34 -22.88 -16.09 44.48
CA SER B 34 -23.01 -15.83 45.91
C SER B 34 -24.18 -16.61 46.52
N GLN B 35 -24.40 -16.38 47.83
CA GLN B 35 -25.39 -17.08 48.65
C GLN B 35 -26.77 -17.62 48.24
N GLU B 36 -27.47 -16.89 47.38
CA GLU B 36 -28.83 -17.28 46.97
C GLU B 36 -28.85 -16.99 45.45
N GLU B 37 -27.73 -16.47 44.95
CA GLU B 37 -27.50 -16.38 43.50
C GLU B 37 -27.49 -17.79 42.93
N GLU B 38 -28.40 -18.05 41.99
CA GLU B 38 -28.56 -19.39 41.42
C GLU B 38 -28.53 -19.42 39.89
N VAL B 39 -28.24 -20.60 39.35
CA VAL B 39 -28.27 -20.84 37.91
C VAL B 39 -29.71 -21.05 37.44
N LEU B 40 -30.20 -20.12 36.62
CA LEU B 40 -31.57 -20.19 36.13
C LEU B 40 -31.72 -21.19 34.99
N SER B 41 -30.88 -21.07 33.96
CA SER B 41 -30.90 -22.01 32.83
C SER B 41 -29.54 -22.15 32.13
N VAL B 42 -29.42 -23.20 31.33
CA VAL B 42 -28.20 -23.49 30.56
C VAL B 42 -28.60 -23.91 29.16
N GLU B 43 -28.06 -23.21 28.15
CA GLU B 43 -28.28 -23.61 26.77
C GLU B 43 -26.97 -23.73 25.99
N GLN B 44 -27.00 -24.57 24.95
CA GLN B 44 -25.83 -24.79 24.09
C GLN B 44 -25.76 -23.72 23.01
N LEU B 45 -24.59 -23.13 22.85
CA LEU B 45 -24.38 -22.12 21.82
C LEU B 45 -23.70 -22.74 20.60
N GLY B 46 -23.68 -21.99 19.50
CA GLY B 46 -22.86 -22.36 18.33
C GLY B 46 -21.39 -22.13 18.62
N GLY B 47 -20.55 -22.44 17.64
CA GLY B 47 -19.11 -22.23 17.78
C GLY B 47 -18.33 -23.33 17.11
N MET B 48 -17.19 -22.96 16.54
CA MET B 48 -16.44 -23.87 15.68
C MET B 48 -15.24 -24.54 16.35
N THR B 49 -14.58 -23.84 17.27
CA THR B 49 -13.35 -24.36 17.88
C THR B 49 -13.61 -25.12 19.18
N ASN B 50 -14.45 -24.54 20.04
CA ASN B 50 -14.72 -25.09 21.37
C ASN B 50 -16.19 -25.50 21.51
N GLN B 51 -16.53 -26.10 22.66
CA GLN B 51 -17.93 -26.37 22.98
C GLN B 51 -18.42 -25.29 23.94
N ASN B 52 -19.41 -24.52 23.48
CA ASN B 52 -19.80 -23.29 24.18
C ASN B 52 -21.22 -23.32 24.74
N TYR B 53 -21.35 -22.84 25.99
CA TYR B 53 -22.65 -22.84 26.69
C TYR B 53 -22.97 -21.48 27.34
N LEU B 54 -24.25 -21.14 27.33
CA LEU B 54 -24.74 -19.94 27.99
C LEU B 54 -25.41 -20.34 29.31
N ALA B 55 -24.81 -19.93 30.41
CA ALA B 55 -25.41 -20.11 31.73
C ALA B 55 -26.05 -18.80 32.22
N LYS B 56 -27.39 -18.79 32.27
CA LYS B 56 -28.14 -17.65 32.82
C LYS B 56 -28.31 -17.78 34.34
N THR B 57 -27.80 -16.79 35.08
CA THR B 57 -27.90 -16.76 36.55
C THR B 57 -28.73 -15.57 37.05
N THR B 58 -28.93 -15.49 38.37
CA THR B 58 -29.79 -14.48 38.98
C THR B 58 -29.49 -13.07 38.51
N ASN B 59 -28.20 -12.70 38.52
CA ASN B 59 -27.77 -11.34 38.21
C ASN B 59 -26.78 -11.19 37.05
N LYS B 60 -26.31 -12.32 36.50
CA LYS B 60 -25.29 -12.33 35.45
C LYS B 60 -25.48 -13.49 34.46
N GLN B 61 -25.00 -13.30 33.25
CA GLN B 61 -25.00 -14.34 32.26
C GLN B 61 -23.57 -14.60 31.86
N TYR B 62 -23.22 -15.87 31.73
CA TYR B 62 -21.85 -16.30 31.49
C TYR B 62 -21.70 -17.21 30.28
N ILE B 63 -20.61 -17.07 29.53
CA ILE B 63 -20.23 -18.02 28.51
C ILE B 63 -19.29 -19.00 29.14
N VAL B 64 -19.60 -20.26 28.97
CA VAL B 64 -18.76 -21.30 29.45
C VAL B 64 -18.23 -22.02 28.25
N LYS B 65 -16.93 -22.09 28.18
CA LYS B 65 -16.26 -22.67 27.04
C LYS B 65 -15.37 -23.82 27.46
N PHE B 66 -15.68 -24.98 26.94
CA PHE B 66 -14.90 -26.16 27.11
C PHE B 66 -14.00 -26.34 25.90
N PHE B 67 -12.71 -26.39 26.11
CA PHE B 67 -11.80 -26.50 24.99
C PHE B 67 -12.17 -27.69 24.10
N GLY B 68 -12.22 -27.46 22.79
CA GLY B 68 -12.60 -28.48 21.84
C GLY B 68 -11.63 -29.63 21.82
N LYS B 69 -12.13 -30.81 21.48
CA LYS B 69 -11.31 -32.01 21.33
C LYS B 69 -10.18 -31.76 20.34
N GLY B 70 -8.96 -32.05 20.75
CA GLY B 70 -7.79 -31.93 19.90
C GLY B 70 -7.20 -30.55 19.78
N THR B 71 -7.89 -29.53 20.28
CA THR B 71 -7.44 -28.14 20.13
C THR B 71 -6.15 -27.79 20.89
N GLU B 72 -5.76 -28.62 21.86
CA GLU B 72 -4.49 -28.42 22.59
C GLU B 72 -3.28 -28.54 21.66
N LYS B 73 -3.45 -29.30 20.58
CA LYS B 73 -2.45 -29.40 19.52
C LYS B 73 -2.39 -28.14 18.66
N LEU B 74 -3.49 -27.41 18.60
CA LEU B 74 -3.60 -26.23 17.74
C LEU B 74 -3.26 -24.94 18.47
N ILE B 75 -3.68 -24.88 19.73
CA ILE B 75 -3.56 -23.69 20.54
C ILE B 75 -2.78 -24.03 21.79
N ASN B 76 -1.76 -23.21 22.08
CA ASN B 76 -1.07 -23.26 23.35
C ASN B 76 -1.89 -22.49 24.41
N ARG B 77 -2.62 -23.24 25.23
CA ARG B 77 -3.57 -22.64 26.18
C ARG B 77 -2.88 -21.83 27.27
N GLN B 78 -1.66 -22.23 27.64
CA GLN B 78 -0.87 -21.45 28.60
C GLN B 78 -0.51 -20.10 27.98
N ASP B 79 -0.20 -20.09 26.69
CA ASP B 79 0.14 -18.82 26.03
C ASP B 79 -1.13 -17.95 25.92
N GLU B 80 -2.26 -18.58 25.63
CA GLU B 80 -3.53 -17.86 25.50
C GLU B 80 -3.89 -17.13 26.79
N LYS B 81 -3.68 -17.80 27.92
CA LYS B 81 -3.98 -17.25 29.24
C LYS B 81 -3.06 -16.06 29.46
N TYR B 82 -1.77 -16.27 29.22
CA TYR B 82 -0.79 -15.20 29.30
C TYR B 82 -1.18 -14.01 28.40
N ASN B 83 -1.51 -14.32 27.15
CA ASN B 83 -1.89 -13.27 26.20
C ASN B 83 -3.11 -12.48 26.64
N LEU B 84 -4.11 -13.17 27.18
CA LEU B 84 -5.28 -12.52 27.78
C LEU B 84 -4.88 -11.44 28.80
N GLU B 85 -3.98 -11.81 29.71
CA GLU B 85 -3.49 -10.90 30.75
C GLU B 85 -2.77 -9.70 30.14
N LEU B 86 -1.90 -9.97 29.17
CA LEU B 86 -1.14 -8.94 28.49
C LEU B 86 -2.03 -7.97 27.69
N LEU B 87 -3.13 -8.47 27.13
CA LEU B 87 -4.01 -7.65 26.28
C LEU B 87 -5.09 -6.87 27.05
N LYS B 88 -5.25 -7.17 28.34
CA LYS B 88 -6.31 -6.57 29.17
C LYS B 88 -6.40 -5.04 29.13
N ASP B 89 -5.26 -4.35 29.25
CA ASP B 89 -5.29 -2.89 29.35
C ASP B 89 -5.66 -2.16 28.05
N LEU B 90 -5.83 -2.92 26.97
CA LEU B 90 -6.34 -2.34 25.73
C LEU B 90 -7.86 -2.21 25.76
N GLY B 91 -8.51 -2.97 26.63
CA GLY B 91 -9.98 -2.90 26.80
C GLY B 91 -10.79 -3.31 25.59
N LEU B 92 -10.26 -4.26 24.80
CA LEU B 92 -10.94 -4.68 23.57
C LEU B 92 -11.91 -5.84 23.79
N ASP B 93 -11.52 -6.78 24.65
CA ASP B 93 -12.24 -8.03 24.90
C ASP B 93 -13.29 -7.81 26.02
N VAL B 94 -14.23 -8.75 26.15
CA VAL B 94 -15.13 -8.80 27.30
C VAL B 94 -14.37 -9.39 28.50
N LYS B 95 -14.93 -9.28 29.69
CA LYS B 95 -14.32 -9.81 30.92
C LYS B 95 -14.22 -11.33 30.93
N ASN B 96 -13.04 -11.83 31.27
CA ASN B 96 -12.86 -13.25 31.57
C ASN B 96 -12.86 -13.46 33.09
N TYR B 97 -13.67 -14.40 33.56
CA TYR B 97 -13.75 -14.70 34.98
C TYR B 97 -12.86 -15.86 35.36
N LEU B 98 -12.83 -16.87 34.51
CA LEU B 98 -12.07 -18.08 34.78
C LEU B 98 -11.36 -18.64 33.55
N PHE B 99 -10.13 -19.11 33.77
CA PHE B 99 -9.36 -19.77 32.75
C PHE B 99 -8.63 -20.95 33.42
N ASP B 100 -9.26 -22.11 33.40
CA ASP B 100 -8.70 -23.31 34.05
C ASP B 100 -8.20 -24.30 33.02
N ILE B 101 -6.89 -24.34 32.84
CA ILE B 101 -6.24 -25.22 31.85
C ILE B 101 -6.49 -26.71 32.15
N GLU B 102 -6.34 -27.07 33.42
CA GLU B 102 -6.50 -28.45 33.89
C GLU B 102 -7.91 -28.98 33.65
N ALA B 103 -8.92 -28.17 33.96
CA ALA B 103 -10.31 -28.54 33.68
C ALA B 103 -10.68 -28.36 32.20
N GLY B 104 -9.85 -27.61 31.46
CA GLY B 104 -10.11 -27.33 30.04
C GLY B 104 -11.35 -26.45 29.85
N ILE B 105 -11.43 -25.38 30.64
CA ILE B 105 -12.59 -24.50 30.63
C ILE B 105 -12.21 -23.02 30.80
N LYS B 106 -12.91 -22.16 30.08
CA LYS B 106 -12.89 -20.74 30.39
C LYS B 106 -14.31 -20.18 30.55
N VAL B 107 -14.45 -19.18 31.42
CA VAL B 107 -15.73 -18.54 31.66
C VAL B 107 -15.60 -17.03 31.44
N ASN B 108 -16.36 -16.53 30.48
CA ASN B 108 -16.43 -15.10 30.18
C ASN B 108 -17.80 -14.55 30.51
N GLU B 109 -17.88 -13.24 30.63
CA GLU B 109 -19.16 -12.56 30.69
C GLU B 109 -19.85 -12.68 29.34
N TYR B 110 -21.17 -12.83 29.36
CA TYR B 110 -21.96 -12.85 28.15
C TYR B 110 -22.69 -11.53 28.09
N ILE B 111 -22.50 -10.76 27.02
CA ILE B 111 -23.07 -9.42 26.96
C ILE B 111 -24.55 -9.48 26.58
N GLU B 112 -25.41 -9.17 27.55
CA GLU B 112 -26.85 -9.26 27.32
C GLU B 112 -27.34 -8.20 26.35
N SER B 113 -28.25 -8.60 25.47
CA SER B 113 -28.85 -7.71 24.46
C SER B 113 -27.75 -7.01 23.65
N ALA B 114 -26.63 -7.69 23.44
CA ALA B 114 -25.61 -7.17 22.55
C ALA B 114 -25.99 -7.56 21.14
N ILE B 115 -25.48 -6.83 20.16
CA ILE B 115 -25.67 -7.19 18.78
C ILE B 115 -24.40 -7.89 18.29
N THR B 116 -24.54 -9.13 17.85
CA THR B 116 -23.44 -9.84 17.22
C THR B 116 -23.39 -9.40 15.77
N LEU B 117 -22.23 -8.91 15.33
CA LEU B 117 -22.13 -8.45 13.94
C LEU B 117 -22.13 -9.64 12.99
N ASP B 118 -22.63 -9.41 11.78
CA ASP B 118 -22.58 -10.43 10.74
C ASP B 118 -22.01 -9.79 9.47
N SER B 119 -21.92 -10.56 8.40
CA SER B 119 -21.26 -10.12 7.18
C SER B 119 -22.00 -8.95 6.55
N THR B 120 -23.27 -8.79 6.89
CA THR B 120 -24.01 -7.60 6.48
C THR B 120 -23.81 -6.40 7.41
N SER B 121 -24.04 -6.58 8.71
CA SER B 121 -24.00 -5.44 9.62
C SER B 121 -22.57 -4.89 9.82
N ILE B 122 -21.56 -5.71 9.59
CA ILE B 122 -20.16 -5.28 9.77
C ILE B 122 -19.79 -4.11 8.84
N LYS B 123 -20.41 -4.07 7.67
CA LYS B 123 -20.18 -3.03 6.66
C LYS B 123 -20.62 -1.62 7.08
N THR B 124 -21.43 -1.55 8.14
CA THR B 124 -21.88 -0.27 8.69
C THR B 124 -21.04 0.18 9.90
N LYS B 125 -20.02 -0.60 10.25
CA LYS B 125 -19.25 -0.35 11.49
C LYS B 125 -17.77 -0.02 11.30
N PHE B 126 -17.39 0.42 10.10
CA PHE B 126 -15.99 0.69 9.77
C PHE B 126 -15.33 1.68 10.73
N ASP B 127 -16.03 2.75 11.06
CA ASP B 127 -15.47 3.80 11.92
C ASP B 127 -15.26 3.32 13.35
N LYS B 128 -15.88 2.20 13.71
CA LYS B 128 -15.64 1.61 15.03
C LYS B 128 -14.60 0.48 14.97
N ILE B 129 -14.61 -0.29 13.87
CA ILE B 129 -13.69 -1.42 13.69
C ILE B 129 -12.24 -1.00 13.35
N ALA B 130 -12.08 -0.07 12.42
CA ALA B 130 -10.74 0.37 12.05
C ALA B 130 -9.89 0.82 13.26
N PRO B 131 -10.47 1.63 14.18
CA PRO B 131 -9.61 2.00 15.32
C PRO B 131 -9.35 0.88 16.33
N ILE B 132 -10.23 -0.13 16.37
CA ILE B 132 -9.92 -1.34 17.16
C ILE B 132 -8.70 -2.06 16.58
N LEU B 133 -8.64 -2.17 15.26
CA LEU B 133 -7.54 -2.88 14.63
C LEU B 133 -6.25 -2.06 14.69
N GLN B 134 -6.37 -0.73 14.57
CA GLN B 134 -5.21 0.13 14.80
C GLN B 134 -4.62 -0.04 16.20
N THR B 135 -5.49 -0.05 17.20
CA THR B 135 -5.11 -0.27 18.60
C THR B 135 -4.33 -1.56 18.84
N ILE B 136 -4.83 -2.69 18.36
CA ILE B 136 -4.11 -3.94 18.52
C ILE B 136 -2.80 -3.95 17.71
N HIS B 137 -2.87 -3.54 16.44
CA HIS B 137 -1.70 -3.60 15.55
C HIS B 137 -0.55 -2.67 15.96
N THR B 138 -0.88 -1.57 16.63
CA THR B 138 0.13 -0.61 17.08
C THR B 138 0.33 -0.71 18.59
N SER B 139 -0.18 -1.78 19.20
CA SER B 139 -0.10 -1.94 20.66
C SER B 139 1.35 -2.02 21.18
N ALA B 140 2.27 -2.45 20.32
CA ALA B 140 3.67 -2.74 20.67
C ALA B 140 3.82 -3.94 21.62
N LYS B 141 2.71 -4.66 21.86
CA LYS B 141 2.71 -5.81 22.74
C LYS B 141 3.35 -7.05 22.10
N GLU B 142 4.14 -7.77 22.91
CA GLU B 142 4.79 -9.01 22.48
C GLU B 142 3.96 -10.20 22.92
N LEU B 143 3.08 -10.66 22.04
CA LEU B 143 2.26 -11.83 22.32
C LEU B 143 3.14 -13.06 22.34
N ARG B 144 2.80 -14.03 23.18
CA ARG B 144 3.44 -15.34 23.10
C ARG B 144 2.80 -16.12 21.96
N GLY B 145 3.63 -16.51 21.00
CA GLY B 145 3.12 -17.26 19.87
C GLY B 145 3.36 -16.46 18.62
N GLU B 146 3.91 -17.12 17.63
CA GLU B 146 4.16 -16.47 16.36
C GLU B 146 3.41 -17.23 15.31
N PHE B 147 2.71 -16.52 14.45
CA PHE B 147 1.95 -17.18 13.40
C PHE B 147 2.72 -17.12 12.08
N ALA B 148 3.39 -18.22 11.78
CA ALA B 148 4.16 -18.35 10.55
C ALA B 148 3.34 -19.24 9.63
N PRO B 149 2.69 -18.63 8.61
CA PRO B 149 1.64 -19.39 7.90
C PRO B 149 2.12 -20.67 7.18
N PHE B 150 3.33 -20.66 6.64
CA PHE B 150 3.84 -21.83 5.91
C PHE B 150 4.23 -22.94 6.88
N GLU B 151 4.74 -22.54 8.04
CA GLU B 151 4.92 -23.46 9.15
C GLU B 151 3.58 -23.99 9.68
N GLU B 152 2.54 -23.14 9.69
CA GLU B 152 1.22 -23.59 10.13
C GLU B 152 0.66 -24.63 9.18
N ILE B 153 0.89 -24.46 7.88
CA ILE B 153 0.46 -25.48 6.89
C ILE B 153 1.13 -26.83 7.19
N LYS B 154 2.44 -26.80 7.39
CA LYS B 154 3.19 -28.01 7.71
C LYS B 154 2.68 -28.64 9.00
N LYS B 155 2.35 -27.79 9.97
CA LYS B 155 1.81 -28.24 11.25
C LYS B 155 0.51 -29.04 11.05
N TYR B 156 -0.45 -28.47 10.34
CA TYR B 156 -1.71 -29.17 10.08
C TYR B 156 -1.52 -30.49 9.31
N GLU B 157 -0.60 -30.49 8.35
CA GLU B 157 -0.30 -31.68 7.55
C GLU B 157 0.21 -32.81 8.43
N SER B 158 1.04 -32.49 9.42
CA SER B 158 1.55 -33.50 10.34
C SER B 158 0.47 -33.97 11.31
N LEU B 159 -0.45 -33.08 11.68
CA LEU B 159 -1.51 -33.43 12.64
C LEU B 159 -2.60 -34.28 12.02
N ILE B 160 -2.79 -34.13 10.72
CA ILE B 160 -3.81 -34.88 9.99
C ILE B 160 -3.33 -36.31 9.76
N GLU B 161 -4.16 -37.28 10.18
CA GLU B 161 -3.78 -38.69 10.19
C GLU B 161 -4.09 -39.42 8.87
N GLU B 162 -5.30 -39.25 8.35
CA GLU B 162 -5.65 -39.81 7.06
C GLU B 162 -5.08 -38.91 5.96
N GLN B 163 -5.20 -39.32 4.71
CA GLN B 163 -4.81 -38.39 3.66
C GLN B 163 -5.73 -37.17 3.55
N ILE B 164 -5.11 -36.04 3.24
CA ILE B 164 -5.82 -34.81 2.94
C ILE B 164 -6.66 -35.07 1.69
N PRO B 165 -7.99 -34.87 1.78
CA PRO B 165 -8.96 -35.24 0.72
C PRO B 165 -9.07 -34.26 -0.45
N TYR B 166 -8.45 -33.09 -0.31
CA TYR B 166 -8.61 -32.02 -1.30
C TYR B 166 -7.97 -32.35 -2.63
N ALA B 167 -8.69 -32.06 -3.71
CA ALA B 167 -8.26 -32.44 -5.05
C ALA B 167 -6.96 -31.76 -5.47
N ASN B 168 -6.07 -32.56 -6.06
CA ASN B 168 -4.85 -32.03 -6.66
C ASN B 168 -4.02 -31.26 -5.61
N TYR B 169 -4.05 -31.76 -4.37
CA TYR B 169 -3.45 -31.04 -3.25
C TYR B 169 -1.96 -30.72 -3.42
N GLU B 170 -1.19 -31.69 -3.94
CA GLU B 170 0.27 -31.48 -4.05
C GLU B 170 0.57 -30.29 -4.95
N SER B 171 -0.11 -30.22 -6.08
CA SER B 171 0.09 -29.13 -7.04
C SER B 171 -0.40 -27.77 -6.47
N VAL B 172 -1.57 -27.76 -5.84
CA VAL B 172 -2.07 -26.56 -5.19
C VAL B 172 -1.12 -26.12 -4.06
N ARG B 173 -0.67 -27.05 -3.24
CA ARG B 173 0.28 -26.74 -2.16
C ARG B 173 1.55 -26.12 -2.71
N ASN B 174 2.05 -26.66 -3.80
CA ASN B 174 3.21 -26.13 -4.45
C ASN B 174 3.02 -24.67 -4.83
N ALA B 175 1.89 -24.39 -5.46
CA ALA B 175 1.52 -23.04 -5.84
C ALA B 175 1.46 -22.15 -4.58
N VAL B 176 0.80 -22.61 -3.52
CA VAL B 176 0.72 -21.83 -2.29
C VAL B 176 2.11 -21.53 -1.72
N PHE B 177 2.98 -22.53 -1.66
CA PHE B 177 4.32 -22.33 -1.13
C PHE B 177 5.19 -21.41 -1.96
N SER B 178 4.88 -21.26 -3.24
CA SER B 178 5.60 -20.33 -4.08
C SER B 178 5.41 -18.87 -3.61
N LEU B 179 4.37 -18.64 -2.79
CA LEU B 179 4.10 -17.30 -2.26
C LEU B 179 4.98 -16.92 -1.07
N GLU B 180 5.67 -17.87 -0.46
CA GLU B 180 6.57 -17.56 0.65
C GLU B 180 7.64 -16.56 0.22
N LYS B 181 8.25 -16.82 -0.94
CA LYS B 181 9.29 -15.95 -1.49
C LYS B 181 8.73 -14.57 -1.89
N ARG B 182 7.55 -14.55 -2.50
CA ARG B 182 6.87 -13.28 -2.80
C ARG B 182 6.67 -12.47 -1.52
N LEU B 183 6.17 -13.09 -0.44
CA LEU B 183 5.99 -12.36 0.81
C LEU B 183 7.29 -11.81 1.36
N ALA B 184 8.35 -12.62 1.32
CA ALA B 184 9.66 -12.19 1.80
C ALA B 184 10.16 -10.97 1.00
N ASP B 185 9.91 -10.95 -0.31
CA ASP B 185 10.29 -9.82 -1.16
C ASP B 185 9.45 -8.57 -0.89
N LEU B 186 8.19 -8.77 -0.51
CA LEU B 186 7.34 -7.64 -0.13
C LEU B 186 7.62 -7.12 1.28
N GLY B 187 8.20 -7.98 2.12
CA GLY B 187 8.43 -7.61 3.51
C GLY B 187 7.28 -8.09 4.38
N VAL B 188 7.62 -8.74 5.48
CA VAL B 188 6.64 -9.27 6.40
C VAL B 188 6.86 -8.56 7.72
N ASP B 189 5.79 -8.00 8.27
CA ASP B 189 5.88 -7.32 9.56
C ASP B 189 5.46 -8.31 10.62
N ARG B 190 5.80 -7.95 11.86
CA ARG B 190 5.57 -8.79 13.02
C ARG B 190 4.94 -7.95 14.13
N LYS B 191 3.63 -8.08 14.25
CA LYS B 191 2.83 -7.30 15.19
C LYS B 191 1.84 -8.21 15.86
N SER B 192 1.30 -7.76 16.98
CA SER B 192 0.23 -8.49 17.65
C SER B 192 -1.04 -8.44 16.79
N CYS B 193 -1.57 -9.62 16.49
CA CYS B 193 -2.73 -9.74 15.60
C CYS B 193 -3.78 -10.60 16.25
N HIS B 194 -5.03 -10.37 15.89
CA HIS B 194 -6.14 -11.18 16.42
C HIS B 194 -6.14 -12.55 15.74
N ILE B 195 -5.86 -12.54 14.44
CA ILE B 195 -5.75 -13.75 13.60
C ILE B 195 -7.05 -14.44 13.14
N ASP B 196 -8.20 -14.00 13.65
CA ASP B 196 -9.46 -14.72 13.42
C ASP B 196 -10.64 -13.74 13.34
N LEU B 197 -10.64 -12.87 12.32
CA LEU B 197 -11.61 -11.78 12.29
C LEU B 197 -12.95 -12.09 11.60
N VAL B 198 -13.59 -13.20 11.97
CA VAL B 198 -14.99 -13.41 11.58
C VAL B 198 -15.88 -12.29 12.16
N PRO B 199 -16.95 -11.94 11.44
CA PRO B 199 -17.77 -10.81 11.91
C PRO B 199 -18.40 -11.05 13.28
N GLU B 200 -18.67 -12.31 13.61
CA GLU B 200 -19.29 -12.71 14.87
C GLU B 200 -18.39 -12.53 16.07
N ASN B 201 -17.11 -12.24 15.84
CA ASN B 201 -16.21 -11.89 16.94
C ASN B 201 -16.31 -10.41 17.35
N PHE B 202 -17.10 -9.64 16.60
CA PHE B 202 -17.39 -8.25 16.98
C PHE B 202 -18.79 -8.18 17.62
N ILE B 203 -18.86 -7.62 18.82
CA ILE B 203 -20.08 -7.61 19.64
C ILE B 203 -20.38 -6.16 20.00
N GLU B 204 -21.57 -5.67 19.66
CA GLU B 204 -21.93 -4.28 19.99
C GLU B 204 -22.81 -4.23 21.24
N SER B 205 -22.27 -3.67 22.32
CA SER B 205 -23.03 -3.47 23.56
C SER B 205 -24.19 -2.48 23.37
N PRO B 206 -25.28 -2.62 24.16
CA PRO B 206 -26.31 -1.56 24.13
C PRO B 206 -25.79 -0.22 24.68
N GLN B 207 -24.68 -0.22 25.40
CA GLN B 207 -24.12 1.07 25.80
C GLN B 207 -23.35 1.75 24.67
N GLY B 208 -23.10 1.02 23.58
CA GLY B 208 -22.53 1.61 22.37
C GLY B 208 -21.13 1.12 21.99
N ARG B 209 -20.40 0.53 22.91
CA ARG B 209 -19.04 0.11 22.59
C ARG B 209 -19.03 -1.20 21.84
N LEU B 210 -18.05 -1.34 20.97
CA LEU B 210 -17.83 -2.56 20.23
C LEU B 210 -16.76 -3.39 20.95
N TYR B 211 -17.03 -4.66 21.21
CA TYR B 211 -16.00 -5.55 21.72
C TYR B 211 -15.51 -6.41 20.58
N LEU B 212 -14.22 -6.76 20.64
CA LEU B 212 -13.64 -7.76 19.77
C LEU B 212 -13.25 -8.92 20.68
N ILE B 213 -13.83 -10.09 20.42
CA ILE B 213 -13.76 -11.22 21.33
C ILE B 213 -13.01 -12.43 20.73
N ASP B 214 -12.82 -13.45 21.56
CA ASP B 214 -12.33 -14.80 21.14
C ASP B 214 -10.91 -14.86 20.64
N TRP B 215 -10.01 -14.28 21.43
CA TRP B 215 -8.60 -14.19 21.07
C TRP B 215 -7.72 -15.42 21.07
N GLU B 216 -8.34 -16.59 21.00
CA GLU B 216 -7.58 -17.84 21.20
C GLU B 216 -6.52 -18.15 20.14
N TYR B 217 -6.67 -17.57 18.95
CA TYR B 217 -5.71 -17.79 17.88
C TYR B 217 -4.70 -16.66 17.79
N SER B 218 -4.88 -15.64 18.63
CA SER B 218 -4.08 -14.43 18.49
C SER B 218 -2.61 -14.76 18.72
N SER B 219 -1.76 -14.04 18.01
CA SER B 219 -0.38 -14.44 17.77
C SER B 219 0.32 -13.28 17.09
N MET B 220 1.65 -13.31 17.03
CA MET B 220 2.40 -12.31 16.26
C MET B 220 2.33 -12.64 14.76
N ASN B 221 2.05 -11.63 13.95
CA ASN B 221 1.88 -11.84 12.51
C ASN B 221 1.96 -10.49 11.80
N ASP B 222 1.89 -10.53 10.47
CA ASP B 222 1.75 -9.34 9.70
C ASP B 222 0.30 -8.85 9.83
N PRO B 223 0.10 -7.55 10.13
CA PRO B 223 -1.26 -7.01 10.23
C PRO B 223 -2.11 -7.18 8.97
N MET B 224 -1.48 -7.40 7.81
CA MET B 224 -2.24 -7.60 6.58
C MET B 224 -3.05 -8.90 6.63
N TRP B 225 -2.66 -9.79 7.54
CA TRP B 225 -3.38 -11.04 7.76
C TRP B 225 -4.75 -10.76 8.37
N ASP B 226 -4.78 -9.94 9.43
CA ASP B 226 -6.05 -9.54 10.06
C ASP B 226 -6.96 -8.85 9.06
N LEU B 227 -6.41 -7.95 8.24
CA LEU B 227 -7.22 -7.28 7.23
C LEU B 227 -7.77 -8.26 6.18
N ALA B 228 -6.94 -9.22 5.79
CA ALA B 228 -7.38 -10.25 4.85
C ALA B 228 -8.51 -11.08 5.46
N ALA B 229 -8.38 -11.47 6.73
CA ALA B 229 -9.41 -12.22 7.46
C ALA B 229 -10.72 -11.45 7.56
N LEU B 230 -10.64 -10.18 7.91
CA LEU B 230 -11.82 -9.33 7.99
C LEU B 230 -12.55 -9.28 6.63
N PHE B 231 -11.78 -9.05 5.57
CA PHE B 231 -12.35 -8.90 4.22
C PHE B 231 -12.94 -10.19 3.71
N LEU B 232 -12.22 -11.28 3.98
CA LEU B 232 -12.59 -12.60 3.46
C LEU B 232 -13.76 -13.22 4.20
N GLU B 233 -13.74 -13.14 5.54
CA GLU B 233 -14.82 -13.75 6.33
C GLU B 233 -16.16 -13.05 6.15
N SER B 234 -16.15 -11.77 5.78
CA SER B 234 -17.40 -11.06 5.53
C SER B 234 -17.68 -10.80 4.04
N GLU B 235 -16.85 -11.38 3.18
CA GLU B 235 -16.93 -11.17 1.72
C GLU B 235 -17.06 -9.69 1.35
N PHE B 236 -16.08 -8.87 1.76
CA PHE B 236 -16.10 -7.46 1.38
C PHE B 236 -16.02 -7.36 -0.15
N THR B 237 -16.72 -6.40 -0.73
CA THR B 237 -16.53 -6.06 -2.14
C THR B 237 -15.22 -5.23 -2.21
N SER B 238 -14.65 -5.06 -3.39
CA SER B 238 -13.39 -4.28 -3.48
C SER B 238 -13.60 -2.81 -3.10
N GLN B 239 -14.78 -2.27 -3.40
CA GLN B 239 -15.13 -0.93 -2.94
C GLN B 239 -15.23 -0.87 -1.42
N GLU B 240 -15.76 -1.91 -0.79
CA GLU B 240 -15.86 -1.96 0.67
C GLU B 240 -14.46 -2.06 1.31
N GLU B 241 -13.59 -2.83 0.66
CA GLU B 241 -12.20 -2.96 1.11
C GLU B 241 -11.53 -1.59 1.08
N GLU B 242 -11.70 -0.89 -0.05
CA GLU B 242 -11.10 0.40 -0.28
C GLU B 242 -11.56 1.43 0.74
N THR B 243 -12.85 1.39 1.04
CA THR B 243 -13.45 2.31 2.00
C THR B 243 -12.90 1.96 3.36
N PHE B 244 -12.90 0.66 3.68
CA PHE B 244 -12.36 0.26 4.96
C PHE B 244 -10.91 0.71 5.13
N LEU B 245 -10.08 0.50 4.11
CA LEU B 245 -8.68 0.89 4.18
C LEU B 245 -8.49 2.39 4.38
N SER B 246 -9.40 3.22 3.83
CA SER B 246 -9.40 4.66 4.12
C SER B 246 -9.53 5.01 5.60
N HIS B 247 -10.29 4.21 6.36
CA HIS B 247 -10.39 4.38 7.81
C HIS B 247 -9.13 3.86 8.53
N TYR B 248 -8.51 2.83 7.97
CA TYR B 248 -7.45 2.10 8.68
C TYR B 248 -6.05 2.60 8.37
N GLU B 249 -5.79 2.90 7.10
CA GLU B 249 -4.43 3.24 6.66
C GLU B 249 -3.93 4.50 7.38
N SER B 250 -2.71 4.44 7.88
CA SER B 250 -2.09 5.60 8.51
C SER B 250 -0.57 5.42 8.50
N ASP B 251 0.16 6.44 8.90
CA ASP B 251 1.61 6.34 9.03
C ASP B 251 2.05 5.13 9.87
N GLN B 252 1.27 4.83 10.91
CA GLN B 252 1.60 3.75 11.83
C GLN B 252 1.05 2.40 11.38
N THR B 253 0.06 2.45 10.49
CA THR B 253 -0.57 1.22 10.02
C THR B 253 -0.62 1.25 8.50
N PRO B 254 0.55 1.07 7.85
CA PRO B 254 0.60 1.06 6.39
C PRO B 254 -0.10 -0.18 5.83
N VAL B 255 -0.48 -0.10 4.55
CA VAL B 255 -1.30 -1.12 3.90
C VAL B 255 -0.66 -1.57 2.57
N SER B 256 -0.58 -2.89 2.38
CA SER B 256 -0.20 -3.45 1.08
C SER B 256 -1.35 -4.27 0.52
N HIS B 257 -1.88 -3.87 -0.63
CA HIS B 257 -2.99 -4.59 -1.25
C HIS B 257 -2.55 -6.00 -1.65
N GLU B 258 -1.34 -6.10 -2.19
CA GLU B 258 -0.86 -7.42 -2.62
C GLU B 258 -0.69 -8.37 -1.44
N LYS B 259 -0.16 -7.88 -0.32
CA LYS B 259 -0.04 -8.74 0.86
C LYS B 259 -1.42 -9.23 1.33
N ILE B 260 -2.40 -8.36 1.36
CA ILE B 260 -3.76 -8.76 1.70
C ILE B 260 -4.25 -9.90 0.78
N ALA B 261 -4.01 -9.77 -0.52
CA ALA B 261 -4.44 -10.81 -1.48
C ALA B 261 -3.77 -12.16 -1.20
N ILE B 262 -2.47 -12.13 -0.91
CA ILE B 262 -1.71 -13.33 -0.57
C ILE B 262 -2.22 -13.97 0.72
N TYR B 263 -2.41 -13.16 1.77
CA TYR B 263 -2.92 -13.71 3.04
C TYR B 263 -4.30 -14.33 2.94
N LYS B 264 -5.12 -13.85 2.01
CA LYS B 264 -6.43 -14.46 1.79
C LYS B 264 -6.26 -15.90 1.31
N ILE B 265 -5.32 -16.11 0.40
CA ILE B 265 -5.05 -17.45 -0.11
C ILE B 265 -4.51 -18.31 1.03
N LEU B 266 -3.58 -17.77 1.81
CA LEU B 266 -3.03 -18.51 2.93
C LEU B 266 -4.07 -18.91 3.97
N GLN B 267 -4.98 -18.01 4.30
CA GLN B 267 -6.03 -18.32 5.25
C GLN B 267 -6.95 -19.43 4.78
N ASP B 268 -7.41 -19.32 3.54
CA ASP B 268 -8.25 -20.36 2.99
C ASP B 268 -7.57 -21.73 2.99
N THR B 269 -6.28 -21.76 2.69
CA THR B 269 -5.51 -23.01 2.73
C THR B 269 -5.43 -23.57 4.15
N ILE B 270 -4.96 -22.74 5.08
CA ILE B 270 -4.77 -23.15 6.47
C ILE B 270 -6.09 -23.60 7.11
N TRP B 271 -7.15 -22.82 6.95
CA TRP B 271 -8.40 -23.16 7.62
C TRP B 271 -9.11 -24.33 6.95
N SER B 272 -8.84 -24.58 5.66
CA SER B 272 -9.33 -25.80 5.03
C SER B 272 -8.69 -27.04 5.68
N LEU B 273 -7.43 -26.91 6.08
CA LEU B 273 -6.69 -28.00 6.72
C LEU B 273 -7.07 -28.16 8.19
N TRP B 274 -7.24 -27.03 8.87
CA TRP B 274 -7.87 -26.97 10.18
C TRP B 274 -9.16 -27.79 10.18
N THR B 275 -9.96 -27.62 9.13
CA THR B 275 -11.26 -28.30 8.99
C THR B 275 -11.09 -29.81 8.89
N VAL B 276 -10.14 -30.27 8.07
CA VAL B 276 -9.86 -31.72 7.97
C VAL B 276 -9.48 -32.23 9.37
N TYR B 277 -8.52 -31.56 10.00
CA TYR B 277 -8.12 -31.94 11.36
C TYR B 277 -9.31 -31.99 12.34
N LYS B 278 -10.12 -30.93 12.36
CA LYS B 278 -11.27 -30.88 13.27
C LYS B 278 -12.25 -32.01 12.98
N GLU B 279 -12.48 -32.29 11.71
CA GLU B 279 -13.43 -33.34 11.37
C GLU B 279 -12.95 -34.71 11.84
N GLU B 280 -11.63 -34.91 11.85
CA GLU B 280 -11.05 -36.13 12.39
C GLU B 280 -11.29 -36.25 13.90
N GLN B 281 -11.48 -35.12 14.58
CA GLN B 281 -11.88 -35.12 16.00
C GLN B 281 -13.39 -35.34 16.18
N GLY B 282 -14.13 -35.45 15.07
CA GLY B 282 -15.55 -35.79 15.13
C GLY B 282 -16.52 -34.69 14.72
N GLU B 283 -16.00 -33.49 14.49
CA GLU B 283 -16.85 -32.37 14.06
C GLU B 283 -17.33 -32.60 12.63
N ASP B 284 -18.42 -31.93 12.26
CA ASP B 284 -18.92 -31.97 10.89
C ASP B 284 -19.32 -30.56 10.51
N PHE B 285 -18.54 -29.96 9.62
CA PHE B 285 -18.77 -28.58 9.21
C PHE B 285 -19.41 -28.48 7.85
N GLY B 286 -20.03 -29.57 7.42
CA GLY B 286 -20.65 -29.63 6.11
C GLY B 286 -19.57 -29.41 5.06
N ASP B 287 -19.80 -28.42 4.20
CA ASP B 287 -18.94 -28.16 3.06
C ASP B 287 -17.95 -27.03 3.30
N TYR B 288 -17.83 -26.62 4.56
CA TYR B 288 -16.96 -25.50 4.93
C TYR B 288 -15.52 -25.72 4.41
N GLY B 289 -14.98 -26.92 4.63
CA GLY B 289 -13.58 -27.24 4.31
C GLY B 289 -13.27 -27.10 2.83
N VAL B 290 -14.04 -27.82 2.02
CA VAL B 290 -13.80 -27.84 0.60
C VAL B 290 -14.06 -26.48 -0.02
N ASN B 291 -15.05 -25.75 0.50
CA ASN B 291 -15.38 -24.42 -0.03
C ASN B 291 -14.26 -23.44 0.24
N ARG B 292 -13.63 -23.54 1.40
CA ARG B 292 -12.47 -22.70 1.67
C ARG B 292 -11.27 -23.12 0.80
N TYR B 293 -11.00 -24.42 0.70
CA TYR B 293 -9.90 -24.90 -0.14
C TYR B 293 -10.07 -24.37 -1.57
N GLN B 294 -11.29 -24.50 -2.08
CA GLN B 294 -11.57 -24.11 -3.45
C GLN B 294 -11.48 -22.59 -3.64
N ARG B 295 -11.76 -21.82 -2.60
CA ARG B 295 -11.55 -20.38 -2.68
C ARG B 295 -10.05 -20.03 -2.74
N ALA B 296 -9.21 -20.80 -2.06
CA ALA B 296 -7.75 -20.69 -2.24
C ALA B 296 -7.36 -21.01 -3.70
N VAL B 297 -7.91 -22.10 -4.25
CA VAL B 297 -7.64 -22.46 -5.66
C VAL B 297 -8.00 -21.28 -6.58
N LYS B 298 -9.22 -20.78 -6.38
CA LYS B 298 -9.77 -19.61 -7.10
C LYS B 298 -8.87 -18.38 -6.92
N GLY B 299 -8.47 -18.11 -5.69
CA GLY B 299 -7.56 -17.01 -5.41
C GLY B 299 -6.22 -17.14 -6.13
N LEU B 300 -5.64 -18.34 -6.09
CA LEU B 300 -4.38 -18.61 -6.79
C LEU B 300 -4.51 -18.37 -8.29
N ALA B 301 -5.61 -18.82 -8.87
CA ALA B 301 -5.87 -18.60 -10.29
C ALA B 301 -5.94 -17.10 -10.60
N SER B 302 -6.70 -16.36 -9.80
CA SER B 302 -6.89 -14.92 -10.00
C SER B 302 -5.65 -14.09 -9.75
N TYR B 303 -4.75 -14.60 -8.93
CA TYR B 303 -3.52 -13.93 -8.57
C TYR B 303 -2.43 -14.08 -9.64
N GLY B 304 -2.32 -15.28 -10.22
CA GLY B 304 -1.30 -15.59 -11.23
C GLY B 304 -1.41 -14.76 -12.51
#